data_4QMT
#
_entry.id   4QMT
#
_cell.length_a   47.879
_cell.length_b   55.339
_cell.length_c   60.336
_cell.angle_alpha   90.00
_cell.angle_beta   111.61
_cell.angle_gamma   90.00
#
_symmetry.space_group_name_H-M   'P 1 21 1'
#
loop_
_entity.id
_entity.type
_entity.pdbx_description
1 polymer 'Serine/threonine-protein kinase 24'
2 non-polymer N-[2-OXO-3-((E)-PHENYL{[4-(PIPERIDIN-1-YLMETHYL)PHENYL]IMINO}METHYL)-2,6-DIHYDRO-1H-INDOL-5-YL]ETHANESULFONAMIDE
3 non-polymer 1,2-ETHANEDIOL
4 water water
#
_entity_poly.entity_id   1
_entity_poly.type   'polypeptide(L)'
_entity_poly.pdbx_seq_one_letter_code
;GPLGSEFMAHSPVQSGLPGMQNLKADPEELFTKLEKIGKGSFGEVFKGIDNRTQKVVAIKIIDLEEAEDEIEDIQQEITV
LSQCDSPYVTKYYGSYLKDTKLWIIMEYLGGGSALDLLEPGPLDETQIATILREILKGLDYLHSEKKIHRDIKAANVLLS
EHGEVKLADFGVAGQLTDTQIKRN(TPO)FVGTPFWMAPEVIKQSAYDSKADIWSLGITAIELARGEPPHSELHPMKVLF
LIPKNNPPTLEGNYSKPLKEFVEACLNKEPSFRPTAKELLKHKFILRNAKKTSYLTELIDRYKRWKAEQSHDDS
;
_entity_poly.pdbx_strand_id   A
#
loop_
_chem_comp.id
_chem_comp.type
_chem_comp.name
_chem_comp.formula
EDO non-polymer 1,2-ETHANEDIOL 'C2 H6 O2'
H1N non-polymer N-[2-OXO-3-((E)-PHENYL{[4-(PIPERIDIN-1-YLMETHYL)PHENYL]IMINO}METHYL)-2,6-DIHYDRO-1H-INDOL-5-YL]ETHANESULFONAMIDE 'C29 H32 N4 O3 S'
#
# COMPACT_ATOMS: atom_id res chain seq x y z
N ASN A 22 20.53 -14.12 -2.71
CA ASN A 22 20.50 -14.79 -1.41
C ASN A 22 19.27 -15.66 -1.22
N LEU A 23 18.86 -16.33 -2.29
CA LEU A 23 17.74 -17.25 -2.25
C LEU A 23 18.04 -18.43 -1.33
N LYS A 24 17.03 -18.87 -0.58
CA LYS A 24 17.20 -20.00 0.33
C LYS A 24 16.42 -21.21 -0.17
N ALA A 25 16.60 -22.36 0.48
CA ALA A 25 15.97 -23.60 0.04
C ALA A 25 15.29 -24.35 1.19
N ASP A 26 14.45 -25.32 0.84
CA ASP A 26 13.70 -26.13 1.80
C ASP A 26 13.00 -25.30 2.87
N PRO A 27 11.97 -24.54 2.48
CA PRO A 27 11.30 -23.66 3.44
C PRO A 27 10.56 -24.41 4.55
N GLU A 28 10.13 -25.63 4.28
CA GLU A 28 9.29 -26.33 5.24
C GLU A 28 10.09 -26.91 6.41
N GLU A 29 11.41 -26.78 6.36
CA GLU A 29 12.26 -27.10 7.49
C GLU A 29 12.15 -26.01 8.55
N LEU A 30 11.84 -24.80 8.10
CA LEU A 30 11.83 -23.64 8.99
C LEU A 30 10.41 -23.09 9.20
N PHE A 31 9.53 -23.38 8.25
CA PHE A 31 8.18 -22.82 8.30
C PHE A 31 7.13 -23.88 8.04
N THR A 32 5.97 -23.69 8.62
CA THR A 32 4.79 -24.51 8.35
C THR A 32 3.80 -23.70 7.56
N LYS A 33 3.34 -24.23 6.43
CA LYS A 33 2.32 -23.58 5.62
C LYS A 33 0.92 -23.96 6.11
N LEU A 34 0.11 -22.96 6.43
CA LEU A 34 -1.26 -23.19 6.89
C LEU A 34 -2.26 -22.79 5.81
N GLU A 35 -3.41 -22.27 6.20
CA GLU A 35 -4.49 -22.04 5.24
C GLU A 35 -4.32 -20.74 4.43
N LYS A 36 -4.97 -20.70 3.27
CA LYS A 36 -5.01 -19.51 2.43
C LYS A 36 -5.74 -18.38 3.15
N ILE A 37 -5.18 -17.16 3.08
CA ILE A 37 -5.81 -16.01 3.73
C ILE A 37 -6.12 -14.88 2.74
N GLY A 38 -5.64 -15.01 1.51
CA GLY A 38 -5.98 -14.04 0.49
C GLY A 38 -5.31 -14.24 -0.84
N LYS A 39 -5.76 -13.48 -1.83
CA LYS A 39 -5.11 -13.44 -3.13
C LYS A 39 -4.14 -12.26 -3.13
N GLY A 40 -2.92 -12.50 -3.60
CA GLY A 40 -1.95 -11.43 -3.68
C GLY A 40 -1.54 -11.17 -5.11
N SER A 41 -0.63 -10.22 -5.29
CA SER A 41 -0.02 -10.04 -6.59
C SER A 41 0.83 -11.27 -6.87
N PHE A 42 0.71 -11.80 -8.07
CA PHE A 42 1.51 -12.93 -8.58
C PHE A 42 1.11 -14.29 -7.99
N GLY A 43 0.36 -14.31 -6.91
CA GLY A 43 0.00 -15.59 -6.31
C GLY A 43 -0.89 -15.50 -5.09
N GLU A 44 -1.07 -16.62 -4.42
CA GLU A 44 -1.92 -16.69 -3.24
C GLU A 44 -1.10 -16.53 -1.97
N VAL A 45 -1.73 -15.98 -0.94
CA VAL A 45 -1.06 -15.77 0.33
C VAL A 45 -1.63 -16.70 1.38
N PHE A 46 -0.74 -17.34 2.14
CA PHE A 46 -1.12 -18.29 3.17
C PHE A 46 -0.64 -17.85 4.53
N LYS A 47 -1.39 -18.20 5.57
CA LYS A 47 -0.88 -18.09 6.92
C LYS A 47 0.21 -19.14 7.08
N GLY A 48 1.19 -18.86 7.92
CA GLY A 48 2.24 -19.82 8.20
C GLY A 48 2.76 -19.66 9.61
N ILE A 49 3.61 -20.59 10.04
CA ILE A 49 4.24 -20.53 11.36
C ILE A 49 5.75 -20.60 11.20
N ASP A 50 6.46 -19.70 11.87
CA ASP A 50 7.91 -19.80 12.02
C ASP A 50 8.17 -20.88 13.08
N ASN A 51 8.76 -22.00 12.68
CA ASN A 51 8.94 -23.11 13.61
C ASN A 51 9.97 -22.83 14.71
N ARG A 52 10.79 -21.80 14.51
CA ARG A 52 11.77 -21.39 15.52
C ARG A 52 11.10 -20.70 16.71
N THR A 53 10.19 -19.78 16.41
CA THR A 53 9.63 -18.87 17.40
C THR A 53 8.16 -19.13 17.70
N GLN A 54 7.51 -19.88 16.82
CA GLN A 54 6.06 -20.08 16.82
C GLN A 54 5.28 -18.80 16.55
N LYS A 55 5.96 -17.79 16.00
CA LYS A 55 5.22 -16.62 15.53
C LYS A 55 4.55 -16.96 14.21
N VAL A 56 3.43 -16.29 13.94
CA VAL A 56 2.73 -16.44 12.67
C VAL A 56 3.39 -15.56 11.60
N VAL A 57 3.45 -16.07 10.38
CA VAL A 57 3.98 -15.34 9.25
C VAL A 57 2.99 -15.40 8.09
N ALA A 58 3.24 -14.61 7.05
CA ALA A 58 2.48 -14.74 5.81
C ALA A 58 3.40 -15.29 4.73
N ILE A 59 2.88 -16.21 3.93
CA ILE A 59 3.65 -16.84 2.86
C ILE A 59 2.96 -16.61 1.52
N LYS A 60 3.59 -15.82 0.66
CA LYS A 60 3.08 -15.65 -0.69
C LYS A 60 3.70 -16.74 -1.56
N ILE A 61 2.85 -17.53 -2.22
CA ILE A 61 3.31 -18.62 -3.07
C ILE A 61 3.08 -18.30 -4.54
N ILE A 62 4.17 -18.28 -5.30
CA ILE A 62 4.12 -17.95 -6.71
C ILE A 62 4.47 -19.18 -7.55
N ASP A 63 3.64 -19.48 -8.54
CA ASP A 63 3.95 -20.57 -9.46
C ASP A 63 4.80 -20.03 -10.61
N LEU A 64 6.11 -20.25 -10.54
CA LEU A 64 7.04 -19.69 -11.51
C LEU A 64 6.90 -20.31 -12.90
N GLU A 65 6.18 -21.43 -12.97
CA GLU A 65 5.96 -22.09 -14.25
C GLU A 65 4.94 -21.30 -15.07
N GLU A 66 3.99 -20.68 -14.38
CA GLU A 66 2.99 -19.85 -15.05
C GLU A 66 3.36 -18.38 -15.01
N ALA A 67 4.50 -18.06 -14.42
CA ALA A 67 4.90 -16.67 -14.20
C ALA A 67 5.60 -16.06 -15.42
N GLU A 68 5.15 -16.45 -16.60
CA GLU A 68 5.68 -15.89 -17.84
C GLU A 68 5.33 -14.41 -17.98
N ASP A 69 6.35 -13.55 -17.91
CA ASP A 69 6.32 -12.08 -18.07
C ASP A 69 6.40 -11.34 -16.74
N GLU A 70 5.57 -11.75 -15.77
CA GLU A 70 5.55 -11.11 -14.45
C GLU A 70 6.82 -11.41 -13.68
N ILE A 71 7.66 -12.28 -14.24
CA ILE A 71 8.88 -12.71 -13.58
C ILE A 71 9.76 -11.52 -13.17
N GLU A 72 9.82 -10.50 -14.01
CA GLU A 72 10.60 -9.31 -13.71
C GLU A 72 10.05 -8.57 -12.49
N ASP A 73 8.73 -8.51 -12.40
CA ASP A 73 8.07 -7.84 -11.27
C ASP A 73 8.21 -8.65 -9.98
N ILE A 74 8.16 -9.97 -10.11
CA ILE A 74 8.39 -10.85 -8.98
C ILE A 74 9.79 -10.63 -8.43
N GLN A 75 10.77 -10.60 -9.34
CA GLN A 75 12.15 -10.32 -8.97
C GLN A 75 12.26 -8.96 -8.27
N GLN A 76 11.57 -7.96 -8.80
CA GLN A 76 11.60 -6.63 -8.20
C GLN A 76 11.00 -6.62 -6.79
N GLU A 77 9.90 -7.35 -6.60
CA GLU A 77 9.28 -7.40 -5.29
C GLU A 77 10.26 -7.94 -4.24
N ILE A 78 10.91 -9.05 -4.56
CA ILE A 78 11.88 -9.65 -3.66
C ILE A 78 13.05 -8.71 -3.40
N THR A 79 13.58 -8.10 -4.46
CA THR A 79 14.71 -7.19 -4.31
C THR A 79 14.36 -6.02 -3.38
N VAL A 80 13.23 -5.37 -3.66
CA VAL A 80 12.84 -4.21 -2.87
C VAL A 80 12.56 -4.60 -1.40
N LEU A 81 11.82 -5.68 -1.20
CA LEU A 81 11.54 -6.17 0.16
C LEU A 81 12.81 -6.46 0.93
N SER A 82 13.78 -7.10 0.27
CA SER A 82 15.02 -7.48 0.92
C SER A 82 15.86 -6.26 1.31
N GLN A 83 15.58 -5.12 0.68
CA GLN A 83 16.36 -3.90 0.93
C GLN A 83 15.68 -2.97 1.93
N CYS A 84 14.45 -3.31 2.34
CA CYS A 84 13.73 -2.47 3.30
C CYS A 84 13.85 -3.01 4.71
N ASP A 85 14.06 -2.10 5.66
CA ASP A 85 14.04 -2.44 7.08
C ASP A 85 13.36 -1.30 7.82
N SER A 86 12.03 -1.35 7.86
CA SER A 86 11.23 -0.29 8.45
C SER A 86 10.01 -0.88 9.13
N PRO A 87 9.62 -0.32 10.30
CA PRO A 87 8.36 -0.72 10.93
C PRO A 87 7.14 -0.41 10.08
N TYR A 88 7.30 0.37 9.01
CA TYR A 88 6.16 0.83 8.20
C TYR A 88 6.10 0.14 6.85
N VAL A 89 6.96 -0.86 6.68
CA VAL A 89 6.98 -1.67 5.46
C VAL A 89 6.96 -3.13 5.87
N THR A 90 6.12 -3.95 5.24
CA THR A 90 6.06 -5.38 5.59
C THR A 90 7.44 -6.00 5.69
N LYS A 91 7.75 -6.57 6.86
CA LYS A 91 9.03 -7.22 7.06
C LYS A 91 9.19 -8.43 6.16
N TYR A 92 10.43 -8.67 5.75
CA TYR A 92 10.75 -9.73 4.83
C TYR A 92 11.63 -10.77 5.52
N TYR A 93 11.19 -12.03 5.51
CA TYR A 93 11.92 -13.10 6.16
C TYR A 93 12.84 -13.83 5.19
N GLY A 94 12.51 -13.81 3.90
CA GLY A 94 13.31 -14.49 2.91
C GLY A 94 12.46 -15.12 1.82
N SER A 95 13.13 -15.54 0.75
CA SER A 95 12.48 -16.19 -0.37
C SER A 95 13.06 -17.58 -0.54
N TYR A 96 12.19 -18.56 -0.74
CA TYR A 96 12.61 -19.95 -0.83
C TYR A 96 12.08 -20.59 -2.10
N LEU A 97 12.92 -21.41 -2.74
CA LEU A 97 12.48 -22.16 -3.91
C LEU A 97 12.02 -23.55 -3.50
N LYS A 98 10.90 -24.00 -4.05
CA LYS A 98 10.38 -25.33 -3.78
C LYS A 98 9.63 -25.86 -5.01
N ASP A 99 10.27 -26.76 -5.74
CA ASP A 99 9.80 -27.20 -7.05
C ASP A 99 9.64 -25.99 -7.96
N THR A 100 8.48 -25.85 -8.60
CA THR A 100 8.24 -24.74 -9.51
C THR A 100 7.69 -23.52 -8.78
N LYS A 101 7.65 -23.58 -7.45
CA LYS A 101 7.04 -22.53 -6.68
C LYS A 101 8.03 -21.74 -5.84
N LEU A 102 7.74 -20.46 -5.72
CA LEU A 102 8.52 -19.56 -4.90
C LEU A 102 7.72 -19.21 -3.65
N TRP A 103 8.34 -19.36 -2.49
CA TRP A 103 7.74 -18.92 -1.23
C TRP A 103 8.36 -17.61 -0.80
N ILE A 104 7.55 -16.55 -0.74
CA ILE A 104 8.01 -15.27 -0.20
C ILE A 104 7.43 -15.13 1.20
N ILE A 105 8.31 -15.18 2.20
CA ILE A 105 7.88 -15.20 3.59
C ILE A 105 7.94 -13.81 4.17
N MET A 106 6.82 -13.35 4.71
CA MET A 106 6.69 -11.97 5.14
C MET A 106 5.98 -11.87 6.48
N GLU A 107 6.06 -10.67 7.04
CA GLU A 107 5.35 -10.31 8.25
C GLU A 107 3.85 -10.65 8.15
N TYR A 108 3.31 -11.29 9.18
CA TYR A 108 1.87 -11.52 9.27
C TYR A 108 1.19 -10.30 9.87
N LEU A 109 0.13 -9.86 9.19
CA LEU A 109 -0.63 -8.70 9.65
C LEU A 109 -2.10 -9.08 9.70
N GLY A 110 -2.55 -9.43 10.89
CA GLY A 110 -3.85 -10.07 11.09
C GLY A 110 -5.08 -9.17 10.95
N GLY A 111 -4.86 -7.88 10.78
CA GLY A 111 -5.99 -6.96 10.56
C GLY A 111 -6.38 -6.84 9.09
N GLY A 112 -5.64 -7.52 8.22
CA GLY A 112 -5.90 -7.45 6.78
C GLY A 112 -5.65 -6.06 6.22
N SER A 113 -6.33 -5.72 5.12
CA SER A 113 -6.08 -4.44 4.46
C SER A 113 -7.02 -3.33 4.94
N ALA A 114 -6.57 -2.09 4.78
CA ALA A 114 -7.41 -0.94 5.11
C ALA A 114 -8.66 -0.94 4.22
N LEU A 115 -8.53 -1.40 2.98
CA LEU A 115 -9.67 -1.52 2.08
C LEU A 115 -10.77 -2.39 2.70
N ASP A 116 -10.39 -3.58 3.19
CA ASP A 116 -11.39 -4.45 3.81
C ASP A 116 -12.06 -3.78 4.99
N LEU A 117 -11.28 -3.05 5.77
CA LEU A 117 -11.79 -2.42 6.98
C LEU A 117 -12.78 -1.29 6.68
N LEU A 118 -12.81 -0.81 5.43
CA LEU A 118 -13.79 0.19 5.00
C LEU A 118 -15.18 -0.41 4.80
N GLU A 119 -15.24 -1.73 4.57
CA GLU A 119 -16.50 -2.34 4.16
C GLU A 119 -17.70 -2.11 5.08
N PRO A 120 -17.50 -2.16 6.42
CA PRO A 120 -18.69 -2.00 7.28
C PRO A 120 -19.28 -0.60 7.28
N GLY A 121 -18.53 0.41 6.87
CA GLY A 121 -19.04 1.77 6.86
C GLY A 121 -17.96 2.82 7.03
N PRO A 122 -18.37 4.09 7.12
CA PRO A 122 -17.41 5.21 7.15
C PRO A 122 -16.43 5.17 8.31
N LEU A 123 -15.21 5.65 8.05
CA LEU A 123 -14.22 5.91 9.10
C LEU A 123 -14.51 7.28 9.68
N ASP A 124 -13.99 7.55 10.88
CA ASP A 124 -14.02 8.91 11.38
C ASP A 124 -12.68 9.56 11.10
N GLU A 125 -12.56 10.87 11.35
CA GLU A 125 -11.36 11.57 10.93
C GLU A 125 -10.15 11.20 11.78
N THR A 126 -10.36 10.74 13.02
CA THR A 126 -9.24 10.26 13.82
C THR A 126 -8.65 8.99 13.18
N GLN A 127 -9.52 8.09 12.73
CA GLN A 127 -9.05 6.88 12.06
C GLN A 127 -8.35 7.21 10.75
N ILE A 128 -8.95 8.10 9.96
CA ILE A 128 -8.34 8.52 8.69
C ILE A 128 -6.96 9.12 8.94
N ALA A 129 -6.87 10.04 9.90
CA ALA A 129 -5.58 10.69 10.19
C ALA A 129 -4.54 9.71 10.71
N THR A 130 -4.97 8.77 11.54
CA THR A 130 -4.03 7.81 12.13
C THR A 130 -3.46 6.91 11.03
N ILE A 131 -4.32 6.42 10.16
CA ILE A 131 -3.86 5.58 9.05
C ILE A 131 -2.96 6.37 8.08
N LEU A 132 -3.38 7.58 7.71
CA LEU A 132 -2.55 8.39 6.83
C LEU A 132 -1.18 8.70 7.45
N ARG A 133 -1.14 8.98 8.75
CA ARG A 133 0.13 9.24 9.41
C ARG A 133 1.09 8.07 9.24
N GLU A 134 0.59 6.86 9.45
CA GLU A 134 1.48 5.71 9.36
C GLU A 134 1.89 5.46 7.91
N ILE A 135 0.98 5.66 6.96
CA ILE A 135 1.32 5.54 5.54
C ILE A 135 2.44 6.53 5.21
N LEU A 136 2.31 7.75 5.71
CA LEU A 136 3.29 8.79 5.47
C LEU A 136 4.66 8.42 6.03
N LYS A 137 4.69 7.77 7.21
CA LYS A 137 5.97 7.32 7.75
C LYS A 137 6.59 6.26 6.84
N GLY A 138 5.76 5.39 6.27
CA GLY A 138 6.25 4.44 5.28
C GLY A 138 6.76 5.09 4.01
N LEU A 139 6.02 6.07 3.49
CA LEU A 139 6.47 6.80 2.32
C LEU A 139 7.75 7.58 2.61
N ASP A 140 7.84 8.19 3.79
CA ASP A 140 9.05 8.92 4.16
C ASP A 140 10.24 7.97 4.12
N TYR A 141 10.08 6.78 4.68
CA TYR A 141 11.15 5.80 4.65
C TYR A 141 11.51 5.41 3.21
N LEU A 142 10.51 5.00 2.41
CA LEU A 142 10.79 4.57 1.05
C LEU A 142 11.46 5.68 0.24
N HIS A 143 10.92 6.89 0.32
CA HIS A 143 11.44 7.98 -0.50
C HIS A 143 12.86 8.35 -0.07
N SER A 144 13.15 8.22 1.22
CA SER A 144 14.52 8.47 1.70
C SER A 144 15.49 7.40 1.18
N GLU A 145 14.96 6.22 0.87
CA GLU A 145 15.75 5.14 0.26
C GLU A 145 15.72 5.20 -1.27
N LYS A 146 15.20 6.29 -1.80
CA LYS A 146 15.06 6.52 -3.24
C LYS A 146 14.15 5.48 -3.90
N LYS A 147 13.22 4.93 -3.13
CA LYS A 147 12.23 4.00 -3.64
C LYS A 147 10.88 4.69 -3.81
N ILE A 148 10.17 4.32 -4.87
CA ILE A 148 8.82 4.83 -5.12
C ILE A 148 7.90 3.63 -5.11
N HIS A 149 6.83 3.68 -4.32
CA HIS A 149 5.96 2.52 -4.20
C HIS A 149 5.18 2.27 -5.51
N ARG A 150 4.54 3.33 -5.98
CA ARG A 150 3.81 3.41 -7.26
C ARG A 150 2.47 2.67 -7.30
N ASP A 151 2.08 2.03 -6.20
CA ASP A 151 0.73 1.45 -6.14
C ASP A 151 0.09 1.71 -4.79
N ILE A 152 0.21 2.96 -4.33
CA ILE A 152 -0.42 3.32 -3.06
C ILE A 152 -1.95 3.40 -3.22
N LYS A 153 -2.63 2.61 -2.39
CA LYS A 153 -4.09 2.55 -2.34
C LYS A 153 -4.44 1.76 -1.07
N ALA A 154 -5.68 1.84 -0.61
CA ALA A 154 -6.03 1.21 0.66
C ALA A 154 -5.82 -0.31 0.69
N ALA A 155 -5.91 -0.96 -0.47
CA ALA A 155 -5.71 -2.40 -0.54
C ALA A 155 -4.28 -2.81 -0.18
N ASN A 156 -3.33 -1.88 -0.36
CA ASN A 156 -1.92 -2.15 -0.10
C ASN A 156 -1.45 -1.57 1.22
N VAL A 157 -2.40 -1.20 2.05
CA VAL A 157 -2.12 -0.75 3.41
C VAL A 157 -2.65 -1.82 4.37
N LEU A 158 -1.73 -2.46 5.08
CA LEU A 158 -2.09 -3.61 5.91
C LEU A 158 -1.96 -3.28 7.39
N LEU A 159 -2.81 -3.88 8.20
CA LEU A 159 -2.82 -3.63 9.63
C LEU A 159 -2.54 -4.89 10.42
N SER A 160 -1.77 -4.76 11.51
CA SER A 160 -1.67 -5.86 12.47
C SER A 160 -2.96 -5.98 13.28
N GLU A 161 -3.14 -7.07 14.01
CA GLU A 161 -4.37 -7.24 14.77
C GLU A 161 -4.48 -6.19 15.88
N HIS A 162 -3.36 -5.54 16.20
CA HIS A 162 -3.34 -4.51 17.23
C HIS A 162 -3.22 -3.10 16.64
N GLY A 163 -3.41 -2.98 15.33
CA GLY A 163 -3.54 -1.67 14.71
C GLY A 163 -2.31 -1.05 14.09
N GLU A 164 -1.16 -1.73 14.12
CA GLU A 164 0.02 -1.19 13.46
C GLU A 164 -0.20 -1.24 11.95
N VAL A 165 0.35 -0.25 11.24
CA VAL A 165 0.07 -0.07 9.82
C VAL A 165 1.34 -0.21 8.99
N LYS A 166 1.30 -0.99 7.91
CA LYS A 166 2.46 -1.14 7.03
C LYS A 166 2.07 -1.12 5.57
N LEU A 167 2.99 -0.62 4.73
CA LEU A 167 2.82 -0.69 3.29
C LEU A 167 3.21 -2.06 2.76
N ALA A 168 2.47 -2.53 1.76
CA ALA A 168 2.71 -3.83 1.15
C ALA A 168 2.64 -3.75 -0.37
N ASP A 169 3.06 -4.85 -1.01
CA ASP A 169 3.03 -5.07 -2.47
C ASP A 169 3.99 -4.17 -3.21
N PHE A 170 5.21 -4.70 -3.42
CA PHE A 170 6.27 -3.91 -4.01
C PHE A 170 6.65 -4.38 -5.40
N GLY A 171 5.74 -5.12 -6.03
CA GLY A 171 5.98 -5.66 -7.35
C GLY A 171 6.23 -4.64 -8.46
N VAL A 172 5.62 -3.45 -8.34
CA VAL A 172 5.87 -2.42 -9.34
C VAL A 172 6.62 -1.22 -8.76
N ALA A 173 7.23 -1.40 -7.59
CA ALA A 173 8.04 -0.34 -7.00
C ALA A 173 9.19 0.06 -7.92
N GLY A 174 9.56 1.34 -7.86
CA GLY A 174 10.66 1.86 -8.66
C GLY A 174 11.84 2.28 -7.79
N GLN A 175 13.05 2.15 -8.35
CA GLN A 175 14.26 2.54 -7.63
C GLN A 175 15.00 3.64 -8.38
N LEU A 176 15.19 4.78 -7.72
CA LEU A 176 16.02 5.83 -8.29
C LEU A 176 17.47 5.58 -7.92
N THR A 177 18.38 6.02 -8.78
CA THR A 177 19.81 5.85 -8.56
C THR A 177 20.55 7.13 -8.93
N ASP A 178 21.87 7.12 -8.80
CA ASP A 178 22.66 8.28 -9.20
C ASP A 178 22.60 8.53 -10.71
N THR A 179 22.26 7.51 -11.50
CA THR A 179 22.20 7.69 -12.95
C THR A 179 20.76 7.70 -13.50
N GLN A 180 19.80 7.37 -12.64
CA GLN A 180 18.38 7.47 -12.99
C GLN A 180 17.65 8.24 -11.91
N ILE A 181 17.47 9.54 -12.12
CA ILE A 181 16.88 10.39 -11.10
C ILE A 181 15.36 10.47 -11.22
N LYS A 182 14.80 9.94 -12.31
CA LYS A 182 13.35 9.83 -12.50
C LYS A 182 13.00 8.47 -13.10
N ARG A 183 11.75 8.06 -12.94
CA ARG A 183 11.20 6.90 -13.65
C ARG A 183 10.22 7.39 -14.72
N ASN A 184 9.87 6.51 -15.65
CA ASN A 184 8.79 6.84 -16.58
C ASN A 184 7.85 5.69 -16.92
N TPO A 185 7.95 4.57 -16.19
CA TPO A 185 7.13 3.41 -16.48
CB TPO A 185 7.68 2.16 -15.78
CG2 TPO A 185 6.86 0.93 -16.19
OG1 TPO A 185 9.02 1.98 -16.25
P TPO A 185 10.11 1.88 -15.05
O1P TPO A 185 11.42 1.72 -15.73
O2P TPO A 185 10.08 3.25 -14.23
O3P TPO A 185 9.75 0.64 -14.09
C TPO A 185 5.64 3.62 -16.14
O TPO A 185 5.32 4.15 -15.08
N PHE A 186 4.77 3.21 -17.05
CA PHE A 186 3.33 3.20 -16.83
C PHE A 186 2.97 2.03 -15.92
N VAL A 187 2.88 2.29 -14.62
CA VAL A 187 2.48 1.28 -13.64
C VAL A 187 1.62 1.89 -12.56
N GLY A 188 0.85 1.03 -11.88
CA GLY A 188 -0.03 1.47 -10.83
C GLY A 188 -1.44 0.96 -11.07
N THR A 189 -2.39 1.55 -10.37
CA THR A 189 -3.78 1.19 -10.51
C THR A 189 -4.48 2.46 -10.96
N PRO A 190 -5.12 2.44 -12.15
CA PRO A 190 -5.59 3.67 -12.80
C PRO A 190 -6.25 4.72 -11.88
N PHE A 191 -7.21 4.36 -11.04
CA PHE A 191 -7.90 5.41 -10.26
C PHE A 191 -6.95 6.18 -9.36
N TRP A 192 -5.84 5.54 -8.96
CA TRP A 192 -4.90 6.14 -8.02
C TRP A 192 -3.66 6.74 -8.70
N MET A 193 -3.54 6.58 -10.02
CA MET A 193 -2.33 7.00 -10.72
C MET A 193 -2.22 8.52 -10.89
N ALA A 194 -1.01 9.03 -10.68
CA ALA A 194 -0.71 10.44 -10.91
C ALA A 194 -0.77 10.76 -12.42
N PRO A 195 -1.16 12.00 -12.75
CA PRO A 195 -1.26 12.36 -14.17
C PRO A 195 0.06 12.18 -14.91
N GLU A 196 1.20 12.48 -14.27
CA GLU A 196 2.48 12.38 -14.97
C GLU A 196 2.89 10.93 -15.17
N VAL A 197 2.35 10.00 -14.38
CA VAL A 197 2.62 8.58 -14.59
C VAL A 197 1.83 8.09 -15.79
N ILE A 198 0.56 8.48 -15.86
CA ILE A 198 -0.29 8.14 -17.00
C ILE A 198 0.31 8.65 -18.32
N LYS A 199 0.83 9.87 -18.30
CA LYS A 199 1.46 10.47 -19.47
C LYS A 199 2.87 9.93 -19.70
N GLN A 200 3.37 9.16 -18.74
CA GLN A 200 4.71 8.56 -18.81
C GLN A 200 5.80 9.63 -18.98
N SER A 201 5.60 10.75 -18.30
CA SER A 201 6.62 11.76 -18.14
C SER A 201 7.67 11.24 -17.17
N ALA A 202 8.78 11.96 -17.06
CA ALA A 202 9.79 11.62 -16.06
C ALA A 202 9.26 12.03 -14.69
N TYR A 203 9.07 11.06 -13.80
CA TYR A 203 8.45 11.33 -12.50
C TYR A 203 9.26 10.76 -11.35
N ASP A 204 8.90 11.10 -10.13
CA ASP A 204 9.62 10.56 -8.98
C ASP A 204 8.67 10.30 -7.83
N SER A 205 9.17 10.43 -6.60
CA SER A 205 8.37 10.10 -5.43
C SER A 205 7.11 10.97 -5.29
N LYS A 206 7.06 12.11 -5.97
CA LYS A 206 5.86 12.93 -5.88
C LYS A 206 4.64 12.22 -6.48
N ALA A 207 4.88 11.22 -7.33
CA ALA A 207 3.76 10.42 -7.84
C ALA A 207 3.06 9.70 -6.69
N ASP A 208 3.83 9.20 -5.73
CA ASP A 208 3.24 8.57 -4.53
C ASP A 208 2.39 9.54 -3.73
N ILE A 209 2.77 10.82 -3.73
CA ILE A 209 2.03 11.82 -2.97
C ILE A 209 0.67 12.07 -3.60
N TRP A 210 0.60 12.10 -4.93
CA TRP A 210 -0.70 12.13 -5.60
C TRP A 210 -1.54 10.91 -5.19
N SER A 211 -0.95 9.71 -5.30
CA SER A 211 -1.69 8.50 -4.97
C SER A 211 -2.15 8.52 -3.51
N LEU A 212 -1.33 9.09 -2.64
CA LEU A 212 -1.72 9.29 -1.24
C LEU A 212 -2.96 10.16 -1.11
N GLY A 213 -3.03 11.23 -1.90
CA GLY A 213 -4.20 12.10 -1.91
C GLY A 213 -5.46 11.35 -2.33
N ILE A 214 -5.34 10.50 -3.35
CA ILE A 214 -6.49 9.69 -3.78
C ILE A 214 -6.87 8.70 -2.69
N THR A 215 -5.87 8.14 -2.04
CA THR A 215 -6.11 7.20 -0.94
C THR A 215 -6.79 7.90 0.23
N ALA A 216 -6.45 9.18 0.49
CA ALA A 216 -7.14 9.94 1.52
C ALA A 216 -8.62 10.08 1.19
N ILE A 217 -8.94 10.38 -0.07
CA ILE A 217 -10.33 10.40 -0.49
C ILE A 217 -10.99 9.02 -0.31
N GLU A 218 -10.27 7.98 -0.72
CA GLU A 218 -10.73 6.60 -0.54
C GLU A 218 -11.05 6.28 0.91
N LEU A 219 -10.17 6.66 1.84
CA LEU A 219 -10.40 6.43 3.25
C LEU A 219 -11.59 7.25 3.80
N ALA A 220 -11.81 8.43 3.24
CA ALA A 220 -12.84 9.35 3.74
C ALA A 220 -14.23 9.01 3.18
N ARG A 221 -14.28 8.64 1.90
CA ARG A 221 -15.54 8.44 1.21
C ARG A 221 -15.83 6.98 0.89
N GLY A 222 -14.82 6.13 1.02
CA GLY A 222 -14.98 4.69 0.81
C GLY A 222 -14.47 4.19 -0.54
N GLU A 223 -14.26 5.11 -1.47
CA GLU A 223 -13.89 4.78 -2.85
C GLU A 223 -13.14 5.97 -3.43
N PRO A 224 -12.24 5.71 -4.40
CA PRO A 224 -11.54 6.82 -5.04
C PRO A 224 -12.46 7.54 -6.02
N PRO A 225 -12.06 8.74 -6.46
CA PRO A 225 -12.82 9.41 -7.52
C PRO A 225 -12.92 8.54 -8.78
N HIS A 226 -14.05 8.65 -9.48
CA HIS A 226 -14.29 7.97 -10.76
C HIS A 226 -14.46 6.46 -10.61
N SER A 227 -14.77 5.99 -9.40
CA SER A 227 -14.73 4.55 -9.14
C SER A 227 -15.80 3.77 -9.92
N GLU A 228 -16.81 4.48 -10.43
CA GLU A 228 -17.90 3.87 -11.20
C GLU A 228 -17.52 3.66 -12.67
N LEU A 229 -16.47 4.33 -13.11
CA LEU A 229 -16.12 4.33 -14.52
C LEU A 229 -15.14 3.22 -14.90
N HIS A 230 -15.14 2.87 -16.18
CA HIS A 230 -14.16 1.92 -16.71
C HIS A 230 -12.77 2.51 -16.56
N PRO A 231 -11.79 1.70 -16.12
CA PRO A 231 -10.43 2.23 -15.93
C PRO A 231 -9.84 2.90 -17.17
N MET A 232 -10.21 2.47 -18.37
CA MET A 232 -9.65 3.12 -19.56
C MET A 232 -10.13 4.56 -19.68
N LYS A 233 -11.36 4.82 -19.26
CA LYS A 233 -11.91 6.18 -19.25
C LYS A 233 -11.11 7.08 -18.31
N VAL A 234 -10.75 6.55 -17.15
CA VAL A 234 -10.12 7.41 -16.18
C VAL A 234 -8.69 7.74 -16.63
N LEU A 235 -8.13 6.90 -17.48
CA LEU A 235 -6.79 7.16 -17.99
C LEU A 235 -6.75 8.44 -18.84
N PHE A 236 -7.88 8.82 -19.46
CA PHE A 236 -7.85 10.13 -20.11
C PHE A 236 -8.44 11.22 -19.21
N LEU A 237 -9.34 10.86 -18.29
CA LEU A 237 -9.95 11.86 -17.43
C LEU A 237 -8.95 12.49 -16.45
N ILE A 238 -8.06 11.67 -15.90
CA ILE A 238 -7.15 12.18 -14.88
C ILE A 238 -6.21 13.28 -15.43
N PRO A 239 -5.58 13.08 -16.60
CA PRO A 239 -4.80 14.22 -17.11
C PRO A 239 -5.66 15.38 -17.61
N LYS A 240 -6.85 15.09 -18.13
CA LYS A 240 -7.72 16.11 -18.72
C LYS A 240 -8.37 17.03 -17.67
N ASN A 241 -8.90 16.43 -16.61
CA ASN A 241 -9.68 17.17 -15.62
C ASN A 241 -8.82 17.90 -14.62
N ASN A 242 -9.40 18.92 -13.99
CA ASN A 242 -8.85 19.45 -12.76
C ASN A 242 -8.70 18.32 -11.75
N PRO A 243 -7.76 18.48 -10.80
CA PRO A 243 -7.61 17.43 -9.80
C PRO A 243 -8.86 17.24 -8.97
N PRO A 244 -9.09 16.03 -8.47
CA PRO A 244 -10.20 15.80 -7.55
C PRO A 244 -10.07 16.63 -6.28
N THR A 245 -11.20 16.93 -5.67
CA THR A 245 -11.20 17.51 -4.33
C THR A 245 -12.06 16.63 -3.44
N LEU A 246 -11.86 16.76 -2.13
CA LEU A 246 -12.70 16.03 -1.20
C LEU A 246 -14.00 16.79 -0.97
N GLU A 247 -15.11 16.22 -1.42
CA GLU A 247 -16.41 16.86 -1.26
C GLU A 247 -17.21 16.18 -0.16
N GLY A 248 -17.98 16.95 0.58
CA GLY A 248 -18.78 16.42 1.68
C GLY A 248 -18.46 17.10 2.98
N ASN A 249 -19.06 16.63 4.07
CA ASN A 249 -18.88 17.28 5.36
C ASN A 249 -17.63 16.75 6.07
N TYR A 250 -16.50 17.33 5.71
CA TYR A 250 -15.21 16.96 6.30
C TYR A 250 -14.56 18.22 6.82
N SER A 251 -13.65 18.07 7.78
CA SER A 251 -12.98 19.23 8.35
C SER A 251 -12.15 19.96 7.30
N LYS A 252 -11.99 21.26 7.49
CA LYS A 252 -11.18 22.05 6.58
C LYS A 252 -9.75 21.48 6.46
N PRO A 253 -9.10 21.10 7.58
CA PRO A 253 -7.75 20.55 7.36
C PRO A 253 -7.71 19.25 6.55
N LEU A 254 -8.73 18.40 6.64
CA LEU A 254 -8.72 17.21 5.80
C LEU A 254 -8.88 17.57 4.32
N LYS A 255 -9.79 18.50 4.01
CA LYS A 255 -9.95 18.93 2.63
C LYS A 255 -8.67 19.55 2.09
N GLU A 256 -7.99 20.32 2.94
CA GLU A 256 -6.76 21.00 2.53
C GLU A 256 -5.59 20.00 2.39
N PHE A 257 -5.59 18.96 3.22
CA PHE A 257 -4.61 17.88 3.08
C PHE A 257 -4.73 17.25 1.68
N VAL A 258 -5.96 16.92 1.31
CA VAL A 258 -6.20 16.30 0.01
C VAL A 258 -5.80 17.24 -1.12
N GLU A 259 -6.18 18.52 -1.02
CA GLU A 259 -5.87 19.51 -2.03
C GLU A 259 -4.36 19.65 -2.22
N ALA A 260 -3.62 19.62 -1.11
CA ALA A 260 -2.17 19.76 -1.17
C ALA A 260 -1.54 18.60 -1.96
N CYS A 261 -2.06 17.40 -1.74
CA CYS A 261 -1.54 16.22 -2.44
C CYS A 261 -1.90 16.24 -3.91
N LEU A 262 -3.13 16.65 -4.19
CA LEU A 262 -3.67 16.53 -5.54
C LEU A 262 -3.45 17.82 -6.33
N ASN A 263 -2.18 18.12 -6.57
CA ASN A 263 -1.76 19.19 -7.48
C ASN A 263 -1.26 18.58 -8.78
N LYS A 264 -1.69 19.10 -9.93
CA LYS A 264 -1.26 18.54 -11.21
C LYS A 264 0.24 18.68 -11.41
N GLU A 265 0.84 19.71 -10.81
CA GLU A 265 2.28 19.94 -10.90
C GLU A 265 2.99 19.22 -9.75
N PRO A 266 3.77 18.17 -10.07
CA PRO A 266 4.35 17.37 -8.99
C PRO A 266 5.26 18.17 -8.05
N SER A 267 5.98 19.17 -8.57
CA SER A 267 6.91 19.91 -7.71
C SER A 267 6.18 20.81 -6.71
N PHE A 268 4.87 21.01 -6.91
CA PHE A 268 4.06 21.79 -5.98
C PHE A 268 3.43 20.92 -4.89
N ARG A 269 3.56 19.60 -5.03
CA ARG A 269 3.10 18.68 -3.99
C ARG A 269 4.11 18.68 -2.86
N PRO A 270 3.63 18.60 -1.61
CA PRO A 270 4.55 18.46 -0.47
C PRO A 270 5.20 17.09 -0.44
N THR A 271 6.31 16.97 0.27
CA THR A 271 6.92 15.67 0.55
C THR A 271 6.15 14.95 1.66
N ALA A 272 6.42 13.66 1.82
CA ALA A 272 5.85 12.92 2.95
C ALA A 272 6.25 13.55 4.29
N LYS A 273 7.52 13.95 4.42
CA LYS A 273 7.99 14.60 5.65
C LYS A 273 7.16 15.84 5.98
N GLU A 274 6.87 16.63 4.95
CA GLU A 274 6.09 17.85 5.14
C GLU A 274 4.64 17.54 5.51
N LEU A 275 4.07 16.50 4.93
CA LEU A 275 2.70 16.14 5.24
C LEU A 275 2.55 15.60 6.65
N LEU A 276 3.62 15.05 7.22
CA LEU A 276 3.57 14.58 8.60
C LEU A 276 3.39 15.75 9.58
N LYS A 277 3.64 16.97 9.10
CA LYS A 277 3.47 18.19 9.90
C LYS A 277 2.14 18.89 9.61
N HIS A 278 1.33 18.31 8.75
CA HIS A 278 0.10 18.96 8.34
C HIS A 278 -0.88 19.02 9.50
N LYS A 279 -1.59 20.13 9.60
CA LYS A 279 -2.60 20.35 10.62
C LYS A 279 -3.57 19.17 10.76
N PHE A 280 -3.97 18.59 9.64
CA PHE A 280 -4.94 17.49 9.72
C PHE A 280 -4.37 16.31 10.50
N ILE A 281 -3.11 15.99 10.24
CA ILE A 281 -2.45 14.87 10.90
C ILE A 281 -2.21 15.20 12.38
N LEU A 282 -1.66 16.38 12.65
CA LEU A 282 -1.30 16.74 14.02
C LEU A 282 -2.53 16.83 14.93
N ARG A 283 -3.63 17.35 14.38
CA ARG A 283 -4.82 17.53 15.20
C ARG A 283 -5.62 16.26 15.40
N ASN A 284 -5.53 15.32 14.48
CA ASN A 284 -6.46 14.20 14.51
C ASN A 284 -5.86 12.82 14.71
N ALA A 285 -4.58 12.63 14.38
CA ALA A 285 -3.98 11.31 14.54
C ALA A 285 -3.80 10.99 16.02
N LYS A 286 -4.14 9.76 16.38
CA LYS A 286 -4.01 9.30 17.76
C LYS A 286 -3.27 7.97 17.78
N LYS A 287 -3.24 7.31 18.93
CA LYS A 287 -2.50 6.05 19.06
C LYS A 287 -2.98 5.02 18.06
N THR A 288 -2.03 4.31 17.44
CA THR A 288 -2.39 3.28 16.48
C THR A 288 -3.20 2.14 17.09
N SER A 289 -2.98 1.85 18.37
CA SER A 289 -3.75 0.78 19.02
C SER A 289 -5.26 1.00 18.99
N TYR A 290 -5.70 2.25 18.88
CA TYR A 290 -7.13 2.52 18.78
C TYR A 290 -7.72 1.94 17.49
N LEU A 291 -6.90 1.70 16.48
CA LEU A 291 -7.40 1.14 15.24
C LEU A 291 -7.87 -0.30 15.40
N THR A 292 -7.56 -0.93 16.53
CA THR A 292 -8.11 -2.25 16.82
C THR A 292 -9.64 -2.22 16.79
N GLU A 293 -10.24 -1.08 17.13
CA GLU A 293 -11.70 -0.92 17.07
C GLU A 293 -12.21 -1.21 15.66
N LEU A 294 -11.43 -0.79 14.67
CA LEU A 294 -11.79 -0.98 13.28
C LEU A 294 -11.72 -2.45 12.89
N ILE A 295 -10.72 -3.15 13.44
CA ILE A 295 -10.57 -4.56 13.17
C ILE A 295 -11.73 -5.34 13.81
N ASP A 296 -12.08 -4.99 15.05
CA ASP A 296 -13.21 -5.61 15.72
C ASP A 296 -14.51 -5.32 14.98
N ARG A 297 -14.65 -4.09 14.47
CA ARG A 297 -15.85 -3.74 13.72
C ARG A 297 -16.00 -4.65 12.51
N TYR A 298 -14.88 -4.90 11.84
CA TYR A 298 -14.91 -5.75 10.66
C TYR A 298 -15.25 -7.20 11.04
N LYS A 299 -14.61 -7.72 12.07
CA LYS A 299 -14.90 -9.10 12.49
C LYS A 299 -16.37 -9.29 12.80
N ARG A 300 -16.95 -8.32 13.50
CA ARG A 300 -18.38 -8.37 13.84
C ARG A 300 -19.20 -8.33 12.57
N TRP A 301 -18.87 -7.41 11.68
CA TRP A 301 -19.60 -7.24 10.42
C TRP A 301 -19.53 -8.48 9.54
N LYS A 302 -18.33 -9.03 9.40
CA LYS A 302 -18.13 -10.22 8.59
C LYS A 302 -18.87 -11.44 9.13
N ALA A 303 -18.93 -11.55 10.47
CA ALA A 303 -19.57 -12.70 11.11
C ALA A 303 -21.07 -12.67 10.92
N GLU A 304 -21.64 -11.46 10.81
CA GLU A 304 -23.08 -11.32 10.62
C GLU A 304 -23.44 -11.45 9.15
N GLN A 305 -22.51 -11.10 8.27
CA GLN A 305 -22.78 -11.02 6.83
C GLN A 305 -23.30 -12.32 6.25
N SER A 306 -24.34 -12.21 5.41
CA SER A 306 -25.03 -13.37 4.87
C SER A 306 -24.51 -13.75 3.48
CAJ H1N B . -8.34 -10.12 8.87
CAL H1N B . -9.15 -8.98 9.50
CAW H1N B . -10.28 -9.58 10.33
CAV H1N B . -11.16 -10.47 9.42
CAK H1N B . -10.37 -11.50 8.58
NAI H1N B . -9.12 -11.00 7.93
CAH H1N B . -8.23 -12.12 7.47
CAG H1N B . -6.87 -11.79 6.94
CAS H1N B . -5.73 -11.85 7.77
CAR H1N B . -4.46 -11.53 7.26
CAF H1N B . -6.70 -11.43 5.60
CAE H1N B . -5.43 -11.12 5.08
CAQ H1N B . -4.28 -11.16 5.92
NAP H1N B . -2.99 -10.88 5.54
CAO H1N B . -2.35 -10.59 4.36
CAN H1N B . -3.07 -10.35 3.19
CAM H1N B . -3.61 -9.06 2.93
CAC H1N B . -4.32 -8.83 1.74
CAA H1N B . -4.48 -9.86 0.80
CAB H1N B . -3.94 -11.15 1.05
CAD H1N B . -3.23 -11.38 2.24
CBD H1N B . -1.00 -10.49 4.39
CBC H1N B . -0.08 -10.05 3.41
CBB H1N B . -0.11 -9.75 2.01
CBJ H1N B . -0.25 -10.55 5.57
OBK H1N B . -0.60 -10.89 6.73
NBI H1N B . 1.01 -10.19 5.36
CBH H1N B . 1.15 -9.88 4.07
CBG H1N B . 2.32 -9.46 3.45
CBF H1N B . 2.26 -9.18 2.08
CBA H1N B . 1.06 -9.32 1.33
NAZ H1N B . 1.05 -9.04 -0.01
SAY H1N B . -0.30 -9.01 -1.05
OBE H1N B . 0.17 -8.78 -2.56
OAU H1N B . -1.17 -10.34 -0.90
CAX H1N B . -1.38 -7.63 -0.49
CAT H1N B . -0.91 -6.27 -1.01
C1 EDO C . 16.33 -3.50 13.99
O1 EDO C . 16.46 -3.55 12.56
C2 EDO C . 16.98 -4.73 14.60
O2 EDO C . 16.35 -5.91 14.08
#